data_1U2M
#
_entry.id   1U2M
#
_cell.length_a   55.828
_cell.length_b   84.190
_cell.length_c   160.181
_cell.angle_alpha   90.00
_cell.angle_beta   90.00
_cell.angle_gamma   90.00
#
_symmetry.space_group_name_H-M   'P 21 21 21'
#
loop_
_entity.id
_entity.type
_entity.pdbx_description
1 polymer 'Histone-like protein HLP-1'
2 water water
#
_entity_poly.entity_id   1
_entity_poly.type   'polypeptide(L)'
_entity_poly.pdbx_seq_one_letter_code
;G(MSE)ADKIAIVN(MSE)GSLFQQVAQKTGVSNTLENEFKGRASELQR(MSE)ETDLQAK(MSE)KKLQS(MSE)KAGS
DRTKLEKDV(MSE)AQRQTFAQKAQAFEQDRARRSNEERGKLVTRIQTAVKSVANSQDIDLVVDANAVAYNSSDVKDITA
DVLKQVK
;
_entity_poly.pdbx_strand_id   A,B,C
#
# COMPACT_ATOMS: atom_id res chain seq x y z
N GLY A 1 21.92 -24.87 -4.27
CA GLY A 1 20.89 -23.97 -4.86
C GLY A 1 19.93 -23.42 -3.82
N ALA A 3 17.20 -23.18 -1.97
CA ALA A 3 15.98 -23.96 -1.72
C ALA A 3 15.52 -23.63 -0.30
N ASP A 4 16.18 -24.26 0.67
CA ASP A 4 15.92 -24.06 2.09
C ASP A 4 16.87 -22.95 2.55
N LYS A 5 17.30 -22.16 1.56
CA LYS A 5 18.19 -21.03 1.78
C LYS A 5 17.34 -19.76 1.88
N ILE A 6 16.03 -19.92 1.72
CA ILE A 6 15.12 -18.79 1.80
C ILE A 6 14.14 -18.95 2.97
N ALA A 7 13.98 -17.90 3.76
CA ALA A 7 13.05 -17.96 4.88
C ALA A 7 12.19 -16.72 4.85
N ILE A 8 11.17 -16.72 5.70
CA ILE A 8 10.23 -15.63 5.80
C ILE A 8 10.16 -15.09 7.22
N VAL A 9 9.97 -13.78 7.35
CA VAL A 9 9.86 -13.18 8.65
C VAL A 9 8.77 -12.12 8.58
N ASN A 10 7.96 -12.04 9.63
CA ASN A 10 6.86 -11.07 9.64
C ASN A 10 7.33 -9.82 10.34
N GLY A 12 6.08 -6.84 10.31
CA GLY A 12 4.98 -6.08 10.89
C GLY A 12 4.70 -6.53 12.31
N SER A 13 4.50 -7.83 12.46
CA SER A 13 4.24 -8.46 13.75
C SER A 13 5.37 -8.19 14.74
N LEU A 14 6.62 -8.31 14.28
CA LEU A 14 7.78 -8.07 15.13
C LEU A 14 7.87 -6.63 15.61
N PHE A 15 7.70 -5.69 14.69
CA PHE A 15 7.78 -4.28 15.02
C PHE A 15 6.73 -3.91 16.05
N GLN A 16 5.56 -4.54 15.96
CA GLN A 16 4.47 -4.28 16.89
C GLN A 16 4.79 -4.84 18.27
N GLN A 17 5.18 -6.11 18.33
CA GLN A 17 5.50 -6.74 19.61
C GLN A 17 6.66 -6.01 20.30
N VAL A 18 7.77 -5.83 19.59
CA VAL A 18 8.92 -5.15 20.18
C VAL A 18 8.59 -3.71 20.59
N ALA A 19 7.64 -3.09 19.88
CA ALA A 19 7.28 -1.72 20.21
C ALA A 19 6.56 -1.69 21.55
N GLN A 20 5.59 -2.57 21.71
CA GLN A 20 4.82 -2.68 22.93
C GLN A 20 5.71 -3.00 24.12
N LYS A 21 6.59 -3.98 23.92
CA LYS A 21 7.51 -4.43 24.97
C LYS A 21 8.49 -3.34 25.42
N THR A 22 8.85 -2.44 24.51
CA THR A 22 9.76 -1.35 24.86
C THR A 22 8.96 -0.08 25.19
N GLY A 23 7.64 -0.17 25.04
CA GLY A 23 6.76 0.95 25.32
C GLY A 23 7.24 2.27 24.74
N VAL A 24 7.65 2.25 23.48
CA VAL A 24 8.17 3.43 22.80
C VAL A 24 7.11 4.52 22.60
N SER A 25 5.84 4.12 22.61
CA SER A 25 4.75 5.08 22.44
C SER A 25 4.61 5.94 23.69
N ASN A 26 4.42 5.29 24.82
CA ASN A 26 4.27 5.98 26.09
C ASN A 26 5.46 6.89 26.33
N THR A 27 6.58 6.57 25.68
CA THR A 27 7.79 7.37 25.82
C THR A 27 7.68 8.63 24.96
N LEU A 28 6.48 9.21 24.97
CA LEU A 28 6.16 10.44 24.24
C LEU A 28 6.08 11.61 25.22
N GLU A 29 5.65 11.30 26.44
CA GLU A 29 5.52 12.29 27.50
C GLU A 29 6.91 12.73 27.95
N ARG A 87 7.45 16.41 16.26
CA ARG A 87 7.01 15.08 16.66
C ARG A 87 7.29 14.09 15.55
N ALA A 88 8.05 14.54 14.54
CA ALA A 88 8.41 13.69 13.42
C ALA A 88 9.85 13.22 13.58
N ARG A 89 10.69 14.11 14.13
CA ARG A 89 12.10 13.81 14.35
C ARG A 89 12.29 12.83 15.50
N ARG A 90 11.18 12.47 16.16
CA ARG A 90 11.23 11.55 17.29
C ARG A 90 10.36 10.31 17.14
N SER A 91 9.26 10.43 16.39
CA SER A 91 8.38 9.30 16.20
C SER A 91 8.96 8.44 15.08
N ASN A 92 9.67 9.08 14.17
CA ASN A 92 10.31 8.38 13.04
C ASN A 92 11.68 7.87 13.45
N GLU A 93 12.30 8.53 14.43
CA GLU A 93 13.61 8.14 14.92
C GLU A 93 13.48 6.86 15.75
N GLU A 94 12.46 6.81 16.60
CA GLU A 94 12.21 5.65 17.43
C GLU A 94 11.75 4.47 16.58
N ARG A 95 11.12 4.78 15.45
CA ARG A 95 10.66 3.77 14.52
C ARG A 95 11.90 3.09 13.96
N GLY A 96 12.83 3.92 13.48
CA GLY A 96 14.08 3.40 12.94
C GLY A 96 14.87 2.59 13.93
N LYS A 97 14.97 3.09 15.16
CA LYS A 97 15.71 2.42 16.22
C LYS A 97 15.25 0.98 16.44
N LEU A 98 13.94 0.75 16.34
CA LEU A 98 13.39 -0.59 16.51
C LEU A 98 13.71 -1.45 15.29
N VAL A 99 13.65 -0.85 14.09
CA VAL A 99 13.94 -1.59 12.87
C VAL A 99 15.36 -2.15 12.89
N THR A 100 16.31 -1.31 13.24
CA THR A 100 17.71 -1.71 13.33
C THR A 100 17.87 -2.86 14.33
N ARG A 101 17.21 -2.75 15.48
CA ARG A 101 17.29 -3.81 16.47
C ARG A 101 16.68 -5.11 15.95
N ILE A 102 15.58 -5.00 15.19
CA ILE A 102 14.96 -6.19 14.65
C ILE A 102 15.83 -6.80 13.54
N GLN A 103 16.42 -5.96 12.70
CA GLN A 103 17.26 -6.47 11.62
C GLN A 103 18.52 -7.19 12.13
N THR A 104 19.03 -6.74 13.28
CA THR A 104 20.21 -7.35 13.87
C THR A 104 19.83 -8.76 14.29
N ALA A 105 18.63 -8.91 14.88
CA ALA A 105 18.18 -10.23 15.33
C ALA A 105 17.88 -11.12 14.13
N VAL A 106 17.34 -10.55 13.06
CA VAL A 106 17.08 -11.32 11.85
C VAL A 106 18.39 -11.89 11.31
N LYS A 107 19.40 -11.03 11.23
CA LYS A 107 20.72 -11.43 10.72
C LYS A 107 21.31 -12.56 11.60
N SER A 108 21.21 -12.42 12.90
CA SER A 108 21.75 -13.46 13.77
C SER A 108 21.05 -14.80 13.57
N VAL A 109 19.73 -14.79 13.44
CA VAL A 109 19.01 -16.03 13.25
C VAL A 109 19.29 -16.60 11.86
N ALA A 110 19.39 -15.73 10.86
CA ALA A 110 19.67 -16.19 9.52
C ALA A 110 21.01 -16.93 9.48
N ASN A 111 22.03 -16.36 10.11
CA ASN A 111 23.34 -17.02 10.11
C ASN A 111 23.28 -18.31 10.87
N SER A 112 22.62 -18.24 12.03
CA SER A 112 22.45 -19.41 12.90
C SER A 112 21.82 -20.58 12.12
N GLN A 113 20.81 -20.30 11.31
CA GLN A 113 20.18 -21.38 10.55
C GLN A 113 20.64 -21.46 9.10
N ASP A 114 21.74 -20.79 8.75
CA ASP A 114 22.28 -20.84 7.38
C ASP A 114 21.28 -20.43 6.29
N ILE A 115 20.59 -19.33 6.52
CA ILE A 115 19.65 -18.83 5.55
C ILE A 115 20.33 -17.71 4.76
N ASP A 116 20.24 -17.77 3.43
CA ASP A 116 20.83 -16.74 2.56
C ASP A 116 19.93 -15.57 2.27
N LEU A 117 18.63 -15.80 2.35
CA LEU A 117 17.70 -14.72 2.05
C LEU A 117 16.46 -14.83 2.89
N VAL A 118 16.16 -13.75 3.59
CA VAL A 118 14.97 -13.70 4.41
C VAL A 118 14.05 -12.64 3.81
N VAL A 119 12.85 -13.07 3.42
CA VAL A 119 11.83 -12.22 2.83
C VAL A 119 10.73 -11.79 3.82
N ASP A 120 10.25 -10.56 3.68
CA ASP A 120 9.18 -10.06 4.54
C ASP A 120 7.86 -10.80 4.15
N ALA A 121 7.16 -11.36 5.13
CA ALA A 121 5.91 -12.12 4.88
C ALA A 121 4.90 -11.28 4.11
N ASN A 122 5.06 -9.97 4.23
CA ASN A 122 4.18 -9.05 3.54
C ASN A 122 4.29 -9.19 2.00
N ALA A 123 5.44 -9.68 1.53
CA ALA A 123 5.64 -9.85 0.07
C ALA A 123 5.41 -11.30 -0.35
N VAL A 124 4.94 -12.12 0.57
CA VAL A 124 4.71 -13.51 0.26
C VAL A 124 3.22 -13.84 0.21
N ALA A 125 2.75 -14.34 -0.93
CA ALA A 125 1.35 -14.70 -1.12
C ALA A 125 1.09 -16.10 -0.57
N TYR A 126 2.13 -16.92 -0.53
CA TYR A 126 1.96 -18.27 -0.03
C TYR A 126 3.29 -18.96 0.13
N ASN A 127 3.42 -19.71 1.20
CA ASN A 127 4.64 -20.48 1.40
C ASN A 127 4.17 -21.77 2.04
N SER A 128 4.77 -22.87 1.62
CA SER A 128 4.44 -24.17 2.17
C SER A 128 5.21 -24.28 3.49
N SER A 129 5.03 -25.40 4.19
CA SER A 129 5.71 -25.63 5.46
C SER A 129 7.20 -25.85 5.20
N ASP A 130 7.57 -26.05 3.94
CA ASP A 130 8.98 -26.26 3.62
C ASP A 130 9.80 -24.98 3.65
N VAL A 131 9.11 -23.83 3.77
CA VAL A 131 9.79 -22.55 3.84
C VAL A 131 9.58 -22.10 5.26
N LYS A 132 10.66 -21.97 6.01
CA LYS A 132 10.52 -21.59 7.39
C LYS A 132 10.21 -20.12 7.66
N ASP A 133 9.34 -19.91 8.65
CA ASP A 133 8.96 -18.57 9.11
C ASP A 133 9.80 -18.48 10.39
N ILE A 134 10.79 -17.58 10.43
CA ILE A 134 11.67 -17.45 11.59
C ILE A 134 11.25 -16.33 12.52
N THR A 135 10.01 -15.88 12.39
CA THR A 135 9.49 -14.80 13.23
C THR A 135 9.66 -15.04 14.74
N ALA A 136 9.24 -16.22 15.19
CA ALA A 136 9.35 -16.54 16.61
C ALA A 136 10.82 -16.61 17.04
N ASP A 137 11.67 -17.18 16.21
CA ASP A 137 13.10 -17.24 16.55
C ASP A 137 13.70 -15.83 16.62
N VAL A 138 13.26 -14.95 15.72
CA VAL A 138 13.83 -13.61 15.71
C VAL A 138 13.37 -12.86 16.96
N LEU A 139 12.12 -13.04 17.34
CA LEU A 139 11.60 -12.36 18.53
C LEU A 139 12.44 -12.73 19.75
N LYS A 140 12.77 -14.01 19.91
CA LYS A 140 13.58 -14.44 21.05
C LYS A 140 14.97 -13.80 21.09
N GLN A 141 15.50 -13.46 19.91
CA GLN A 141 16.86 -12.90 19.79
C GLN A 141 16.93 -11.37 19.89
N VAL A 142 15.81 -10.70 19.66
CA VAL A 142 15.79 -9.24 19.74
C VAL A 142 16.34 -8.74 21.07
N LYS A 143 17.03 -7.61 21.05
CA LYS A 143 17.61 -7.02 22.26
C LYS A 143 17.48 -5.50 22.23
N LYS B 5 22.14 -16.42 -9.07
CA LYS B 5 20.72 -16.87 -9.30
C LYS B 5 19.74 -15.83 -8.77
N ILE B 6 19.89 -15.42 -7.51
CA ILE B 6 18.99 -14.41 -6.92
C ILE B 6 19.72 -13.11 -6.53
N ALA B 7 19.09 -11.96 -6.77
CA ALA B 7 19.70 -10.67 -6.41
C ALA B 7 18.64 -9.78 -5.83
N ILE B 8 19.08 -8.65 -5.27
CA ILE B 8 18.16 -7.66 -4.74
C ILE B 8 18.51 -6.33 -5.39
N VAL B 9 17.51 -5.44 -5.43
CA VAL B 9 17.70 -4.12 -6.00
C VAL B 9 16.81 -3.17 -5.20
N ASN B 10 17.36 -2.00 -4.88
CA ASN B 10 16.63 -1.00 -4.10
C ASN B 10 15.83 -0.12 -5.06
N GLY B 12 13.09 1.73 -4.45
CA GLY B 12 12.80 3.05 -3.90
C GLY B 12 13.95 4.02 -4.14
N SER B 13 15.15 3.59 -3.81
CA SER B 13 16.32 4.41 -3.99
C SER B 13 16.51 4.76 -5.46
N LEU B 14 16.43 3.78 -6.36
CA LEU B 14 16.59 4.05 -7.78
C LEU B 14 15.57 5.06 -8.28
N PHE B 15 14.32 4.91 -7.85
CA PHE B 15 13.26 5.79 -8.29
C PHE B 15 13.56 7.23 -7.87
N GLN B 16 14.03 7.39 -6.63
CA GLN B 16 14.37 8.70 -6.12
C GLN B 16 15.48 9.34 -6.95
N GLN B 17 16.56 8.61 -7.15
CA GLN B 17 17.68 9.14 -7.92
C GLN B 17 17.34 9.44 -9.37
N VAL B 18 16.60 8.56 -10.03
CA VAL B 18 16.24 8.78 -11.42
C VAL B 18 15.25 9.96 -11.58
N ALA B 19 14.30 10.08 -10.66
CA ALA B 19 13.33 11.15 -10.71
C ALA B 19 14.05 12.50 -10.57
N GLN B 20 14.98 12.54 -9.63
CA GLN B 20 15.77 13.72 -9.37
C GLN B 20 16.56 14.13 -10.61
N LYS B 21 17.24 13.16 -11.22
CA LYS B 21 18.04 13.44 -12.39
C LYS B 21 17.24 13.84 -13.62
N THR B 22 16.00 13.36 -13.75
CA THR B 22 15.17 13.71 -14.90
C THR B 22 14.36 14.98 -14.59
N GLY B 23 14.29 15.32 -13.30
CA GLY B 23 13.55 16.50 -12.88
C GLY B 23 12.05 16.40 -13.09
N VAL B 24 11.53 15.17 -13.08
CA VAL B 24 10.11 14.93 -13.29
C VAL B 24 9.24 15.78 -12.36
N SER B 25 9.72 15.97 -11.14
CA SER B 25 8.93 16.71 -10.15
C SER B 25 8.71 18.17 -10.51
N ASN B 26 9.77 18.85 -10.94
CA ASN B 26 9.68 20.25 -11.31
C ASN B 26 8.93 20.39 -12.62
N THR B 27 9.03 19.38 -13.48
CA THR B 27 8.33 19.40 -14.76
C THR B 27 6.83 19.30 -14.52
N LEU B 28 6.43 18.53 -13.51
CA LEU B 28 5.01 18.38 -13.20
C LEU B 28 4.47 19.63 -12.52
N GLU B 29 5.31 20.31 -11.73
CA GLU B 29 4.88 21.53 -11.07
C GLU B 29 4.62 22.52 -12.19
N ASN B 30 5.60 22.71 -13.06
CA ASN B 30 5.46 23.60 -14.21
C ASN B 30 4.18 23.28 -14.98
N GLU B 31 3.90 22.00 -15.18
CA GLU B 31 2.72 21.63 -15.94
C GLU B 31 1.42 22.11 -15.32
N PHE B 32 1.42 22.22 -13.99
CA PHE B 32 0.21 22.63 -13.29
C PHE B 32 0.22 23.97 -12.54
N LYS B 33 1.35 24.68 -12.52
CA LYS B 33 1.37 25.93 -11.77
C LYS B 33 0.39 26.96 -12.33
N GLY B 34 0.30 27.03 -13.65
CA GLY B 34 -0.62 27.95 -14.28
C GLY B 34 -2.04 27.69 -13.82
N ARG B 35 -2.57 26.52 -14.16
CA ARG B 35 -3.92 26.15 -13.78
C ARG B 35 -4.09 26.24 -12.26
N ALA B 36 -3.00 26.09 -11.53
CA ALA B 36 -3.03 26.15 -10.07
C ALA B 36 -3.24 27.59 -9.59
N SER B 37 -2.48 28.52 -10.16
CA SER B 37 -2.61 29.93 -9.78
C SER B 37 -3.99 30.44 -10.16
N GLU B 38 -4.46 30.04 -11.34
CA GLU B 38 -5.78 30.44 -11.80
C GLU B 38 -6.82 30.03 -10.77
N LEU B 39 -6.50 29.00 -9.98
CA LEU B 39 -7.40 28.53 -8.94
C LEU B 39 -7.22 29.29 -7.64
N GLN B 40 -5.97 29.57 -7.29
CA GLN B 40 -5.67 30.30 -6.04
C GLN B 40 -6.39 31.65 -6.03
N ARG B 41 -6.15 32.46 -7.06
CA ARG B 41 -6.80 33.75 -7.15
C ARG B 41 -8.31 33.53 -7.31
N GLU B 43 -9.99 31.59 -6.09
CA GLU B 43 -10.50 31.24 -4.77
C GLU B 43 -10.80 32.53 -4.01
N THR B 44 -9.76 33.35 -3.78
CA THR B 44 -9.90 34.61 -3.06
C THR B 44 -10.97 35.51 -3.69
N ASP B 45 -11.19 35.34 -4.99
CA ASP B 45 -12.19 36.12 -5.72
C ASP B 45 -13.58 35.72 -5.22
N LEU B 46 -13.74 34.43 -4.94
CA LEU B 46 -15.01 33.89 -4.47
C LEU B 46 -15.08 33.95 -2.93
N GLN B 47 -13.95 33.72 -2.28
CA GLN B 47 -13.88 33.75 -0.82
C GLN B 47 -14.18 35.14 -0.28
N ALA B 48 -13.86 36.16 -1.08
CA ALA B 48 -14.12 37.54 -0.69
C ALA B 48 -15.54 37.94 -1.08
N LYS B 49 -16.49 37.05 -0.78
CA LYS B 49 -17.90 37.30 -1.09
C LYS B 49 -18.78 36.52 -0.10
N ARG B 73 -19.88 29.35 -7.31
CA ARG B 73 -19.06 28.46 -6.50
C ARG B 73 -19.20 27.01 -6.96
N GLN B 74 -20.19 26.76 -7.80
CA GLN B 74 -20.43 25.42 -8.34
C GLN B 74 -19.43 25.15 -9.45
N THR B 75 -18.88 26.23 -10.00
CA THR B 75 -17.90 26.10 -11.07
C THR B 75 -16.53 25.93 -10.45
N PHE B 76 -16.35 26.50 -9.26
CA PHE B 76 -15.07 26.38 -8.57
C PHE B 76 -14.83 24.93 -8.14
N ALA B 77 -15.76 24.40 -7.37
CA ALA B 77 -15.65 23.03 -6.88
C ALA B 77 -15.56 22.01 -8.03
N GLN B 78 -16.33 22.22 -9.09
CA GLN B 78 -16.34 21.32 -10.24
C GLN B 78 -15.12 21.50 -11.14
N LYS B 79 -14.33 22.52 -10.86
CA LYS B 79 -13.13 22.80 -11.65
C LYS B 79 -11.90 22.44 -10.83
N ALA B 80 -11.97 22.67 -9.52
CA ALA B 80 -10.86 22.36 -8.63
C ALA B 80 -10.78 20.84 -8.47
N GLN B 81 -11.89 20.16 -8.74
CA GLN B 81 -11.94 18.71 -8.63
C GLN B 81 -11.22 18.11 -9.84
N ALA B 82 -11.61 18.55 -11.03
CA ALA B 82 -10.99 18.05 -12.25
C ALA B 82 -9.48 18.27 -12.20
N PHE B 83 -9.07 19.44 -11.71
CA PHE B 83 -7.66 19.77 -11.60
C PHE B 83 -6.95 18.73 -10.74
N GLU B 84 -7.53 18.45 -9.58
CA GLU B 84 -6.97 17.48 -8.64
C GLU B 84 -6.74 16.13 -9.31
N GLN B 85 -7.74 15.69 -10.07
CA GLN B 85 -7.68 14.41 -10.78
C GLN B 85 -6.58 14.44 -11.82
N ASP B 86 -6.60 15.44 -12.68
CA ASP B 86 -5.60 15.59 -13.73
C ASP B 86 -4.18 15.49 -13.20
N ARG B 87 -3.92 16.14 -12.07
CA ARG B 87 -2.59 16.11 -11.48
C ARG B 87 -2.22 14.71 -10.99
N ALA B 88 -3.14 14.07 -10.26
CA ALA B 88 -2.89 12.72 -9.74
C ALA B 88 -2.67 11.75 -10.89
N ARG B 89 -3.54 11.82 -11.89
CA ARG B 89 -3.41 10.97 -13.06
C ARG B 89 -2.05 11.18 -13.72
N ARG B 90 -1.72 12.43 -13.98
CA ARG B 90 -0.44 12.76 -14.61
C ARG B 90 0.76 12.33 -13.77
N SER B 91 0.65 12.43 -12.45
CA SER B 91 1.74 12.04 -11.57
C SER B 91 1.93 10.50 -11.66
N ASN B 92 0.82 9.76 -11.64
CA ASN B 92 0.90 8.30 -11.77
C ASN B 92 1.56 7.91 -13.09
N GLU B 93 1.20 8.59 -14.16
CA GLU B 93 1.80 8.28 -15.46
C GLU B 93 3.30 8.47 -15.44
N GLU B 94 3.75 9.62 -14.95
CA GLU B 94 5.19 9.88 -14.94
C GLU B 94 5.90 8.90 -14.02
N ARG B 95 5.23 8.53 -12.93
CA ARG B 95 5.80 7.58 -11.98
C ARG B 95 5.96 6.24 -12.70
N GLY B 96 4.89 5.81 -13.37
CA GLY B 96 4.90 4.55 -14.08
C GLY B 96 5.96 4.51 -15.16
N LYS B 97 6.19 5.64 -15.84
CA LYS B 97 7.20 5.67 -16.89
C LYS B 97 8.60 5.49 -16.31
N LEU B 98 8.81 6.02 -15.11
CA LEU B 98 10.11 5.90 -14.48
C LEU B 98 10.36 4.45 -14.05
N VAL B 99 9.35 3.85 -13.43
CA VAL B 99 9.44 2.48 -13.00
C VAL B 99 9.78 1.58 -14.19
N THR B 100 9.13 1.81 -15.33
CA THR B 100 9.37 1.03 -16.54
C THR B 100 10.82 1.15 -16.99
N ARG B 101 11.34 2.36 -16.99
CA ARG B 101 12.72 2.56 -17.42
C ARG B 101 13.72 1.87 -16.50
N ILE B 102 13.41 1.82 -15.20
CA ILE B 102 14.26 1.17 -14.22
C ILE B 102 14.15 -0.36 -14.38
N GLN B 103 12.94 -0.87 -14.60
CA GLN B 103 12.79 -2.30 -14.79
C GLN B 103 13.59 -2.74 -16.03
N THR B 104 13.59 -1.93 -17.08
CA THR B 104 14.36 -2.26 -18.30
C THR B 104 15.84 -2.40 -17.95
N ALA B 105 16.34 -1.53 -17.07
CA ALA B 105 17.76 -1.62 -16.66
C ALA B 105 18.01 -2.84 -15.73
N VAL B 106 17.06 -3.14 -14.86
CA VAL B 106 17.21 -4.30 -14.00
C VAL B 106 17.36 -5.57 -14.83
N LYS B 107 16.49 -5.74 -15.83
CA LYS B 107 16.57 -6.92 -16.72
C LYS B 107 17.90 -6.99 -17.48
N SER B 108 18.34 -5.84 -18.00
CA SER B 108 19.59 -5.78 -18.73
C SER B 108 20.73 -6.26 -17.80
N VAL B 109 20.78 -5.74 -16.59
CA VAL B 109 21.82 -6.16 -15.65
C VAL B 109 21.61 -7.65 -15.27
N ALA B 110 20.37 -8.05 -14.97
CA ALA B 110 20.15 -9.45 -14.60
C ALA B 110 20.62 -10.41 -15.71
N ASN B 111 20.27 -10.13 -16.96
CA ASN B 111 20.70 -11.01 -18.07
C ASN B 111 22.22 -11.04 -18.26
N SER B 112 22.89 -9.90 -18.08
CA SER B 112 24.38 -9.85 -18.20
C SER B 112 25.01 -10.69 -17.11
N GLN B 113 24.49 -10.63 -15.88
CA GLN B 113 25.11 -11.41 -14.81
C GLN B 113 24.45 -12.78 -14.55
N ASP B 114 23.62 -13.23 -15.49
CA ASP B 114 22.94 -14.52 -15.35
C ASP B 114 22.16 -14.64 -14.03
N ILE B 115 21.38 -13.61 -13.70
CA ILE B 115 20.56 -13.59 -12.50
C ILE B 115 19.14 -13.92 -12.93
N ASP B 116 18.52 -14.88 -12.26
CA ASP B 116 17.17 -15.29 -12.63
C ASP B 116 16.03 -14.65 -11.86
N LEU B 117 16.36 -14.00 -10.75
CA LEU B 117 15.27 -13.40 -9.98
C LEU B 117 15.81 -12.22 -9.20
N VAL B 118 15.18 -11.07 -9.37
CA VAL B 118 15.60 -9.87 -8.65
C VAL B 118 14.45 -9.38 -7.77
N VAL B 119 14.68 -9.38 -6.46
CA VAL B 119 13.66 -8.95 -5.50
C VAL B 119 13.93 -7.52 -5.01
N ASP B 120 12.86 -6.77 -4.80
CA ASP B 120 12.94 -5.39 -4.31
C ASP B 120 13.52 -5.45 -2.87
N ALA B 121 14.62 -4.74 -2.63
CA ALA B 121 15.25 -4.75 -1.30
C ALA B 121 14.28 -4.39 -0.18
N ASN B 122 13.25 -3.61 -0.48
CA ASN B 122 12.33 -3.24 0.58
C ASN B 122 11.52 -4.43 1.11
N ALA B 123 11.60 -5.57 0.45
CA ALA B 123 10.85 -6.77 0.86
C ALA B 123 11.83 -7.79 1.44
N VAL B 124 13.07 -7.37 1.63
CA VAL B 124 14.11 -8.27 2.13
C VAL B 124 14.66 -7.85 3.51
N ALA B 125 14.65 -8.75 4.48
CA ALA B 125 15.13 -8.43 5.83
C ALA B 125 16.59 -8.84 6.04
N TYR B 126 17.09 -9.72 5.18
CA TYR B 126 18.49 -10.15 5.25
C TYR B 126 18.89 -10.88 3.98
N ASN B 127 20.12 -10.66 3.55
CA ASN B 127 20.65 -11.37 2.39
C ASN B 127 22.14 -11.60 2.59
N SER B 128 22.59 -12.82 2.29
CA SER B 128 24.00 -13.16 2.42
C SER B 128 24.75 -12.55 1.21
N SER B 129 26.09 -12.63 1.19
CA SER B 129 26.87 -12.08 0.07
C SER B 129 26.59 -12.78 -1.26
N ASP B 130 26.14 -14.03 -1.21
CA ASP B 130 25.80 -14.71 -2.47
C ASP B 130 24.55 -14.10 -3.12
N VAL B 131 23.84 -13.24 -2.40
CA VAL B 131 22.65 -12.60 -2.98
C VAL B 131 23.08 -11.17 -3.22
N LYS B 132 23.52 -10.91 -4.44
CA LYS B 132 24.03 -9.60 -4.77
C LYS B 132 23.01 -8.48 -4.82
N ASP B 133 23.43 -7.31 -4.33
CA ASP B 133 22.60 -6.11 -4.38
C ASP B 133 23.09 -5.43 -5.65
N ILE B 134 22.25 -5.35 -6.68
CA ILE B 134 22.68 -4.77 -7.94
C ILE B 134 22.27 -3.33 -8.20
N THR B 135 21.82 -2.63 -7.15
CA THR B 135 21.37 -1.25 -7.31
C THR B 135 22.29 -0.35 -8.12
N ALA B 136 23.58 -0.35 -7.79
CA ALA B 136 24.58 0.48 -8.47
C ALA B 136 24.73 0.10 -9.93
N ASP B 137 24.75 -1.20 -10.23
CA ASP B 137 24.88 -1.64 -11.61
C ASP B 137 23.66 -1.23 -12.44
N VAL B 138 22.49 -1.30 -11.83
CA VAL B 138 21.26 -0.96 -12.52
C VAL B 138 21.22 0.54 -12.81
N LEU B 139 21.48 1.35 -11.79
CA LEU B 139 21.50 2.80 -11.96
C LEU B 139 22.30 3.20 -13.22
N LYS B 140 23.48 2.63 -13.40
CA LYS B 140 24.32 2.92 -14.57
C LYS B 140 23.70 2.57 -15.90
N GLN B 141 22.69 1.69 -15.90
CA GLN B 141 22.09 1.28 -17.17
C GLN B 141 20.77 1.95 -17.45
N VAL B 142 20.22 2.68 -16.48
CA VAL B 142 18.93 3.30 -16.74
C VAL B 142 18.95 4.23 -17.95
N LYS B 143 18.02 4.00 -18.86
CA LYS B 143 17.85 4.74 -20.10
C LYS B 143 19.02 4.48 -21.05
N GLY C 1 15.62 -25.98 -10.82
CA GLY C 1 15.59 -25.89 -9.32
C GLY C 1 14.64 -24.81 -8.85
N ALA C 3 13.10 -22.63 -10.62
CA ALA C 3 11.95 -22.55 -11.51
C ALA C 3 10.89 -23.55 -11.08
N ASP C 4 11.28 -24.51 -10.24
CA ASP C 4 10.35 -25.53 -9.76
C ASP C 4 9.65 -25.18 -8.44
N LYS C 5 10.36 -24.49 -7.55
CA LYS C 5 9.86 -24.17 -6.23
C LYS C 5 9.36 -22.77 -5.97
N ILE C 6 9.67 -21.85 -6.86
CA ILE C 6 9.27 -20.45 -6.67
C ILE C 6 8.43 -19.96 -7.83
N ALA C 7 7.40 -19.21 -7.49
CA ALA C 7 6.52 -18.63 -8.49
C ALA C 7 6.16 -17.23 -8.04
N ILE C 8 5.53 -16.48 -8.92
CA ILE C 8 5.13 -15.13 -8.56
C ILE C 8 3.65 -15.05 -8.89
N VAL C 9 2.94 -14.14 -8.24
CA VAL C 9 1.53 -13.98 -8.50
C VAL C 9 1.24 -12.50 -8.33
N ASN C 10 0.37 -11.96 -9.16
CA ASN C 10 0.07 -10.54 -9.04
C ASN C 10 -1.19 -10.39 -8.17
N GLY C 12 -2.35 -7.77 -6.55
CA GLY C 12 -3.08 -6.57 -6.87
C GLY C 12 -4.05 -6.74 -8.03
N SER C 13 -3.59 -7.43 -9.08
CA SER C 13 -4.40 -7.66 -10.26
C SER C 13 -5.54 -8.63 -9.95
N LEU C 14 -5.25 -9.65 -9.16
CA LEU C 14 -6.30 -10.59 -8.81
C LEU C 14 -7.37 -9.85 -8.03
N PHE C 15 -6.95 -9.05 -7.06
CA PHE C 15 -7.91 -8.31 -6.26
C PHE C 15 -8.83 -7.46 -7.12
N GLN C 16 -8.25 -6.66 -8.00
CA GLN C 16 -9.03 -5.79 -8.87
C GLN C 16 -10.02 -6.60 -9.73
N GLN C 17 -9.53 -7.65 -10.39
CA GLN C 17 -10.39 -8.47 -11.24
C GLN C 17 -11.51 -9.18 -10.47
N VAL C 18 -11.19 -9.72 -9.30
CA VAL C 18 -12.21 -10.41 -8.53
C VAL C 18 -13.20 -9.40 -7.94
N ALA C 19 -12.74 -8.21 -7.58
CA ALA C 19 -13.64 -7.19 -7.03
C ALA C 19 -14.69 -6.82 -8.08
N GLN C 20 -14.23 -6.56 -9.31
CA GLN C 20 -15.11 -6.21 -10.41
C GLN C 20 -16.10 -7.33 -10.75
N LYS C 21 -15.60 -8.55 -10.88
CA LYS C 21 -16.49 -9.64 -11.22
C LYS C 21 -17.57 -9.82 -10.16
N THR C 22 -17.20 -9.69 -8.89
CA THR C 22 -18.19 -9.86 -7.81
C THR C 22 -19.04 -8.61 -7.66
N GLY C 23 -18.53 -7.47 -8.15
CA GLY C 23 -19.27 -6.23 -8.04
C GLY C 23 -19.37 -5.75 -6.60
N VAL C 24 -18.40 -6.12 -5.78
CA VAL C 24 -18.35 -5.76 -4.37
C VAL C 24 -18.53 -4.27 -4.09
N SER C 25 -17.90 -3.44 -4.92
CA SER C 25 -17.97 -2.00 -4.77
C SER C 25 -19.39 -1.47 -5.00
N ASN C 26 -20.08 -2.03 -5.99
CA ASN C 26 -21.43 -1.56 -6.26
C ASN C 26 -22.38 -2.06 -5.17
N THR C 27 -22.11 -3.27 -4.68
CA THR C 27 -22.93 -3.85 -3.64
C THR C 27 -22.85 -3.03 -2.35
N LEU C 28 -21.67 -2.47 -2.06
CA LEU C 28 -21.47 -1.66 -0.86
C LEU C 28 -22.16 -0.32 -1.05
N GLU C 29 -22.11 0.17 -2.27
CA GLU C 29 -22.73 1.43 -2.60
C GLU C 29 -24.24 1.28 -2.30
N ASN C 30 -24.84 0.20 -2.78
CA ASN C 30 -26.26 -0.06 -2.56
C ASN C 30 -26.62 -0.17 -1.10
N GLU C 31 -25.75 -0.81 -0.34
CA GLU C 31 -25.97 -1.02 1.08
C GLU C 31 -26.04 0.27 1.91
N PHE C 32 -25.40 1.32 1.43
CA PHE C 32 -25.33 2.60 2.13
C PHE C 32 -26.03 3.77 1.43
N LYS C 33 -26.50 3.55 0.22
CA LYS C 33 -27.17 4.59 -0.58
C LYS C 33 -28.30 5.26 0.20
N GLY C 34 -29.18 4.44 0.76
CA GLY C 34 -30.31 4.94 1.52
C GLY C 34 -29.92 5.83 2.69
N ARG C 35 -29.08 5.32 3.58
CA ARG C 35 -28.65 6.11 4.73
C ARG C 35 -27.90 7.36 4.27
N ALA C 36 -27.24 7.28 3.12
CA ALA C 36 -26.48 8.42 2.61
C ALA C 36 -27.40 9.54 2.13
N SER C 37 -28.49 9.19 1.45
CA SER C 37 -29.44 10.19 0.98
C SER C 37 -30.09 10.85 2.19
N GLU C 38 -30.51 10.02 3.14
CA GLU C 38 -31.15 10.49 4.36
C GLU C 38 -30.27 11.52 5.04
N LEU C 39 -29.00 11.18 5.22
CA LEU C 39 -28.07 12.11 5.86
C LEU C 39 -27.92 13.39 5.03
N GLN C 40 -27.96 13.26 3.70
CA GLN C 40 -27.84 14.44 2.85
C GLN C 40 -29.04 15.37 3.03
N ARG C 41 -30.24 14.78 3.11
CA ARG C 41 -31.44 15.59 3.29
C ARG C 41 -31.37 16.27 4.67
N GLU C 43 -28.87 17.35 6.28
CA GLU C 43 -28.02 18.54 6.25
C GLU C 43 -28.65 19.67 5.46
N THR C 44 -29.35 19.33 4.39
CA THR C 44 -30.01 20.36 3.59
C THR C 44 -31.05 21.09 4.44
N ASP C 45 -31.85 20.31 5.18
CA ASP C 45 -32.88 20.86 6.04
C ASP C 45 -32.29 21.54 7.28
N LEU C 46 -31.11 21.11 7.69
CA LEU C 46 -30.46 21.70 8.86
C LEU C 46 -29.82 23.04 8.52
N GLN C 47 -29.43 23.24 7.27
CA GLN C 47 -28.82 24.50 6.87
C GLN C 47 -29.92 25.53 6.71
N ALA C 48 -31.06 25.09 6.18
CA ALA C 48 -32.21 25.95 5.97
C ALA C 48 -32.70 26.55 7.29
N LYS C 49 -32.69 25.76 8.36
CA LYS C 49 -33.11 26.24 9.67
C LYS C 49 -32.09 27.20 10.26
N LYS C 51 -30.33 28.98 8.53
CA LYS C 51 -30.46 30.14 7.65
C LYS C 51 -31.43 31.16 8.26
N LYS C 52 -32.53 30.67 8.84
CA LYS C 52 -33.50 31.54 9.47
C LYS C 52 -33.05 31.89 10.89
N LEU C 53 -32.51 30.89 11.57
CA LEU C 53 -32.03 31.06 12.93
C LEU C 53 -30.91 32.08 13.00
N GLN C 54 -30.47 32.56 11.83
CA GLN C 54 -29.40 33.54 11.75
C GLN C 54 -29.96 34.94 11.51
N SER C 55 -31.24 34.99 11.11
CA SER C 55 -31.90 36.26 10.83
C SER C 55 -33.16 36.52 11.66
N LYS C 57 -35.20 37.65 15.26
CA LYS C 57 -35.07 38.48 16.46
C LYS C 57 -35.24 37.60 17.69
N ALA C 58 -34.52 37.92 18.77
CA ALA C 58 -34.63 37.14 20.00
C ALA C 58 -36.10 37.03 20.40
N GLY C 59 -36.44 35.95 21.09
CA GLY C 59 -37.81 35.74 21.51
C GLY C 59 -38.17 34.27 21.59
N SER C 60 -39.45 34.00 21.77
CA SER C 60 -39.94 32.63 21.91
C SER C 60 -39.70 31.76 20.68
N ASP C 61 -39.97 32.30 19.50
CA ASP C 61 -39.77 31.52 18.29
C ASP C 61 -38.31 31.24 17.99
N ARG C 62 -37.44 32.21 18.21
CA ARG C 62 -36.02 31.99 17.96
C ARG C 62 -35.43 31.01 18.95
N THR C 63 -35.90 31.08 20.19
CA THR C 63 -35.39 30.19 21.24
C THR C 63 -35.84 28.75 20.98
N LYS C 64 -37.03 28.60 20.39
CA LYS C 64 -37.57 27.29 20.10
C LYS C 64 -36.83 26.65 18.90
N LEU C 65 -36.58 27.44 17.86
CA LEU C 65 -35.88 26.94 16.68
C LEU C 65 -34.43 26.58 17.03
N GLU C 66 -33.79 27.36 17.88
CA GLU C 66 -32.41 27.09 18.28
C GLU C 66 -32.35 25.75 19.00
N LYS C 67 -33.22 25.59 20.01
CA LYS C 67 -33.27 24.35 20.77
C LYS C 67 -33.53 23.19 19.80
N ASP C 68 -34.26 23.49 18.73
CA ASP C 68 -34.57 22.48 17.73
C ASP C 68 -33.31 22.15 16.90
N VAL C 69 -32.70 23.18 16.34
CA VAL C 69 -31.49 23.02 15.53
C VAL C 69 -30.39 22.30 16.31
N ALA C 71 -30.71 20.34 18.55
CA ALA C 71 -31.14 18.97 18.74
C ALA C 71 -30.84 18.14 17.49
N GLN C 72 -31.15 18.69 16.32
CA GLN C 72 -30.90 18.01 15.06
C GLN C 72 -29.41 17.78 14.86
N ARG C 73 -28.63 18.82 15.10
CA ARG C 73 -27.17 18.74 14.95
C ARG C 73 -26.59 17.55 15.72
N GLN C 74 -27.02 17.37 16.96
CA GLN C 74 -26.51 16.26 17.76
C GLN C 74 -26.89 14.93 17.13
N THR C 75 -28.09 14.85 16.58
CA THR C 75 -28.58 13.63 15.92
C THR C 75 -27.79 13.39 14.64
N PHE C 76 -27.62 14.45 13.86
CA PHE C 76 -26.89 14.36 12.62
C PHE C 76 -25.50 13.80 12.90
N ALA C 77 -24.79 14.46 13.82
CA ALA C 77 -23.44 14.04 14.20
C ALA C 77 -23.40 12.57 14.60
N GLN C 78 -24.21 12.20 15.58
CA GLN C 78 -24.28 10.83 16.07
C GLN C 78 -24.71 9.81 15.00
N LYS C 79 -25.37 10.29 13.96
CA LYS C 79 -25.82 9.39 12.90
C LYS C 79 -24.76 9.31 11.80
N ALA C 80 -24.14 10.44 11.49
CA ALA C 80 -23.10 10.53 10.47
C ALA C 80 -21.81 9.85 10.92
N GLN C 81 -21.58 9.84 12.23
CA GLN C 81 -20.41 9.18 12.79
C GLN C 81 -20.61 7.68 12.59
N ALA C 82 -21.77 7.18 13.03
CA ALA C 82 -22.10 5.77 12.91
C ALA C 82 -22.10 5.33 11.44
N PHE C 83 -22.40 6.27 10.55
CA PHE C 83 -22.44 5.99 9.12
C PHE C 83 -21.02 5.70 8.63
N GLU C 84 -20.18 6.73 8.67
CA GLU C 84 -18.79 6.62 8.24
C GLU C 84 -18.08 5.40 8.84
N GLN C 85 -18.39 5.10 10.09
CA GLN C 85 -17.77 3.95 10.74
C GLN C 85 -18.21 2.65 10.07
N ASP C 86 -19.52 2.45 9.95
CA ASP C 86 -20.04 1.24 9.33
C ASP C 86 -19.58 1.10 7.89
N ARG C 87 -19.44 2.23 7.20
CA ARG C 87 -18.99 2.24 5.82
C ARG C 87 -17.60 1.58 5.82
N ALA C 88 -16.66 2.22 6.50
CA ALA C 88 -15.29 1.74 6.62
C ALA C 88 -15.21 0.30 7.11
N ARG C 89 -15.97 -0.03 8.15
CA ARG C 89 -15.95 -1.39 8.67
C ARG C 89 -16.41 -2.40 7.62
N ARG C 90 -17.58 -2.14 7.03
CA ARG C 90 -18.12 -3.04 6.01
C ARG C 90 -17.19 -3.17 4.82
N SER C 91 -16.60 -2.04 4.43
CA SER C 91 -15.68 -2.00 3.30
C SER C 91 -14.53 -2.96 3.61
N ASN C 92 -13.95 -2.81 4.79
CA ASN C 92 -12.84 -3.66 5.21
C ASN C 92 -13.23 -5.11 5.28
N GLU C 93 -14.40 -5.38 5.85
CA GLU C 93 -14.84 -6.76 5.96
C GLU C 93 -14.92 -7.39 4.57
N GLU C 94 -15.43 -6.63 3.60
CA GLU C 94 -15.58 -7.15 2.25
C GLU C 94 -14.26 -7.34 1.52
N ARG C 95 -13.39 -6.34 1.56
CA ARG C 95 -12.09 -6.44 0.91
C ARG C 95 -11.33 -7.62 1.53
N GLY C 96 -11.52 -7.83 2.82
CA GLY C 96 -10.85 -8.93 3.49
C GLY C 96 -11.37 -10.28 3.05
N LYS C 97 -12.68 -10.36 2.80
CA LYS C 97 -13.27 -11.62 2.36
C LYS C 97 -12.71 -11.98 0.99
N LEU C 98 -12.51 -10.94 0.18
CA LEU C 98 -11.96 -11.08 -1.15
C LEU C 98 -10.53 -11.64 -1.09
N VAL C 99 -9.70 -10.99 -0.28
CA VAL C 99 -8.31 -11.40 -0.09
C VAL C 99 -8.23 -12.87 0.30
N THR C 100 -9.06 -13.27 1.25
CA THR C 100 -9.08 -14.65 1.74
C THR C 100 -9.42 -15.66 0.64
N ARG C 101 -10.41 -15.33 -0.18
CA ARG C 101 -10.83 -16.21 -1.25
C ARG C 101 -9.71 -16.34 -2.26
N ILE C 102 -9.00 -15.23 -2.50
CA ILE C 102 -7.88 -15.26 -3.42
C ILE C 102 -6.74 -16.13 -2.83
N GLN C 103 -6.44 -15.93 -1.54
CA GLN C 103 -5.37 -16.70 -0.91
C GLN C 103 -5.66 -18.19 -0.92
N THR C 104 -6.95 -18.53 -0.85
CA THR C 104 -7.36 -19.93 -0.87
C THR C 104 -7.00 -20.50 -2.24
N ALA C 105 -7.23 -19.69 -3.27
CA ALA C 105 -6.93 -20.07 -4.63
C ALA C 105 -5.39 -20.17 -4.84
N VAL C 106 -4.63 -19.21 -4.29
CA VAL C 106 -3.16 -19.25 -4.44
C VAL C 106 -2.65 -20.56 -3.84
N LYS C 107 -3.10 -20.86 -2.63
CA LYS C 107 -2.69 -22.10 -1.97
C LYS C 107 -3.02 -23.33 -2.82
N SER C 108 -4.24 -23.38 -3.38
CA SER C 108 -4.64 -24.51 -4.21
C SER C 108 -3.71 -24.69 -5.42
N VAL C 109 -3.53 -23.64 -6.18
CA VAL C 109 -2.68 -23.70 -7.35
C VAL C 109 -1.25 -24.06 -6.96
N ALA C 110 -0.78 -23.50 -5.86
CA ALA C 110 0.57 -23.78 -5.45
C ALA C 110 0.74 -25.24 -5.11
N ASN C 111 -0.21 -25.81 -4.37
CA ASN C 111 -0.11 -27.23 -4.02
C ASN C 111 -0.25 -28.11 -5.25
N SER C 112 -1.12 -27.72 -6.19
CA SER C 112 -1.30 -28.47 -7.43
C SER C 112 0.01 -28.56 -8.21
N GLN C 113 0.76 -27.47 -8.22
CA GLN C 113 2.00 -27.40 -8.99
C GLN C 113 3.29 -27.59 -8.22
N ASP C 114 3.15 -28.01 -6.96
CA ASP C 114 4.30 -28.25 -6.10
C ASP C 114 5.24 -27.05 -5.90
N ILE C 115 4.64 -25.89 -5.72
CA ILE C 115 5.38 -24.66 -5.50
C ILE C 115 5.43 -24.38 -4.01
N ASP C 116 6.65 -24.20 -3.50
CA ASP C 116 6.83 -23.92 -2.06
C ASP C 116 6.69 -22.46 -1.70
N LEU C 117 7.03 -21.57 -2.64
CA LEU C 117 6.98 -20.16 -2.35
C LEU C 117 6.41 -19.37 -3.51
N VAL C 118 5.40 -18.56 -3.20
CA VAL C 118 4.80 -17.71 -4.21
C VAL C 118 5.04 -16.28 -3.74
N VAL C 119 5.80 -15.53 -4.53
CA VAL C 119 6.10 -14.15 -4.20
C VAL C 119 5.14 -13.20 -4.92
N ASP C 120 4.78 -12.11 -4.24
CA ASP C 120 3.91 -11.11 -4.85
C ASP C 120 4.71 -10.35 -5.91
N ALA C 121 4.15 -10.28 -7.11
CA ALA C 121 4.82 -9.61 -8.23
C ALA C 121 5.26 -8.18 -7.92
N ASN C 122 4.53 -7.51 -7.06
CA ASN C 122 4.86 -6.15 -6.67
C ASN C 122 6.25 -6.08 -6.02
N ALA C 123 6.72 -7.19 -5.45
CA ALA C 123 8.03 -7.20 -4.81
C ALA C 123 9.10 -7.82 -5.71
N VAL C 124 8.78 -8.06 -6.99
CA VAL C 124 9.74 -8.65 -7.93
C VAL C 124 10.10 -7.64 -9.03
N ALA C 125 11.37 -7.28 -9.16
CA ALA C 125 11.75 -6.32 -10.20
C ALA C 125 12.08 -7.04 -11.48
N TYR C 126 12.33 -8.33 -11.39
CA TYR C 126 12.63 -9.13 -12.55
C TYR C 126 12.62 -10.63 -12.27
N ASN C 127 12.14 -11.40 -13.25
CA ASN C 127 12.20 -12.85 -13.12
C ASN C 127 12.39 -13.45 -14.51
N SER C 128 13.26 -14.45 -14.58
CA SER C 128 13.52 -15.21 -15.79
C SER C 128 12.18 -15.87 -16.25
N SER C 129 12.05 -16.13 -17.54
CA SER C 129 10.82 -16.68 -18.09
C SER C 129 10.49 -18.12 -17.67
N ASP C 130 11.43 -18.82 -17.04
CA ASP C 130 11.07 -20.16 -16.58
C ASP C 130 10.56 -20.07 -15.10
N VAL C 131 10.40 -18.85 -14.58
CA VAL C 131 9.83 -18.73 -13.24
C VAL C 131 8.36 -18.44 -13.55
N LYS C 132 7.47 -19.34 -13.14
CA LYS C 132 6.03 -19.16 -13.42
C LYS C 132 5.34 -17.98 -12.76
N ASP C 133 4.50 -17.29 -13.54
CA ASP C 133 3.65 -16.25 -13.01
C ASP C 133 2.30 -17.01 -13.00
N ILE C 134 1.85 -17.40 -11.81
CA ILE C 134 0.60 -18.16 -11.70
C ILE C 134 -0.70 -17.36 -11.55
N THR C 135 -0.63 -16.04 -11.75
CA THR C 135 -1.79 -15.18 -11.65
C THR C 135 -3.02 -15.73 -12.39
N ALA C 136 -2.85 -16.07 -13.67
CA ALA C 136 -3.96 -16.60 -14.47
C ALA C 136 -4.48 -17.92 -13.93
N ASP C 137 -3.59 -18.83 -13.57
CA ASP C 137 -4.07 -20.10 -13.01
C ASP C 137 -4.86 -19.87 -11.73
N VAL C 138 -4.45 -18.88 -10.94
CA VAL C 138 -5.11 -18.59 -9.68
C VAL C 138 -6.50 -17.97 -9.84
N LEU C 139 -6.65 -17.05 -10.79
CA LEU C 139 -7.92 -16.39 -11.07
C LEU C 139 -8.98 -17.46 -11.31
N LYS C 140 -8.69 -18.38 -12.24
CA LYS C 140 -9.60 -19.46 -12.58
C LYS C 140 -10.03 -20.29 -11.38
N GLN C 141 -9.19 -20.34 -10.34
CA GLN C 141 -9.51 -21.13 -9.15
C GLN C 141 -10.24 -20.38 -8.07
N VAL C 142 -10.36 -19.08 -8.19
CA VAL C 142 -11.05 -18.34 -7.16
C VAL C 142 -12.51 -18.78 -7.12
N LYS C 143 -12.98 -19.11 -5.92
CA LYS C 143 -14.36 -19.54 -5.73
C LYS C 143 -15.17 -18.37 -5.17
#